data_6X7Y
#
_entry.id   6X7Y
#
_cell.length_a   45.240
_cell.length_b   50.650
_cell.length_c   79.420
_cell.angle_alpha   90.000
_cell.angle_beta   90.000
_cell.angle_gamma   90.000
#
_symmetry.space_group_name_H-M   'P 21 21 21'
#
loop_
_entity.id
_entity.type
_entity.pdbx_description
1 polymer 'Antifreeze protein'
2 non-polymer 2-acetamido-2-deoxy-alpha-D-glucopyranose
3 non-polymer 2-acetamido-2-deoxy-beta-D-glucopyranose
4 non-polymer 'CALCIUM ION'
5 non-polymer 1,2-ETHANEDIOL
6 water water
#
_entity_poly.entity_id   1
_entity_poly.type   'polypeptide(L)'
_entity_poly.pdbx_seq_one_letter_code
;PDSLFAGLVGEYYGTNSQLNNISDFRALVDSKEADATFEAANISYGRGSSDVAKGTHLQEFLGSDASTLSTDPGDNTDGG
IYLQGYVYLEAGTYNFKVTADDGYEITINGNPVATVDNNQSVYTVTHASFTISESGYQAIDMIWWDQGGDYVFQPTLSAD
GGSTYFVLDSAILSSTGETPYT
;
_entity_poly.pdbx_strand_id   A
#
# COMPACT_ATOMS: atom_id res chain seq x y z
N PRO A 1 -7.10 -21.57 7.20
CA PRO A 1 -6.58 -21.46 5.83
C PRO A 1 -6.63 -20.02 5.29
N ASP A 2 -5.56 -19.50 4.70
CA ASP A 2 -5.51 -18.09 4.22
C ASP A 2 -5.80 -18.11 2.74
N SER A 3 -6.56 -17.16 2.20
CA SER A 3 -6.84 -17.06 0.79
CA SER A 3 -6.79 -17.31 0.78
C SER A 3 -5.54 -16.94 -0.03
N LEU A 4 -5.41 -17.69 -1.14
CA LEU A 4 -4.33 -17.52 -2.08
C LEU A 4 -4.86 -16.73 -3.27
N PHE A 5 -4.29 -15.54 -3.46
CA PHE A 5 -4.65 -14.70 -4.59
C PHE A 5 -3.41 -13.93 -5.02
N ALA A 6 -3.49 -13.36 -6.22
CA ALA A 6 -2.38 -12.63 -6.80
C ALA A 6 -2.48 -11.15 -6.37
N GLY A 7 -2.08 -10.89 -5.13
CA GLY A 7 -2.22 -9.59 -4.53
C GLY A 7 -1.69 -9.65 -3.11
N LEU A 8 -1.66 -8.49 -2.46
CA LEU A 8 -1.38 -8.41 -1.04
C LEU A 8 -2.68 -8.42 -0.24
N VAL A 9 -2.59 -8.92 0.99
CA VAL A 9 -3.69 -8.85 1.94
C VAL A 9 -3.86 -7.40 2.35
N GLY A 10 -5.02 -6.81 2.12
CA GLY A 10 -5.27 -5.40 2.44
C GLY A 10 -6.21 -5.24 3.62
N GLU A 11 -5.88 -4.29 4.45
CA GLU A 11 -6.73 -3.86 5.57
C GLU A 11 -6.84 -2.34 5.55
N TYR A 12 -8.05 -1.87 5.74
CA TYR A 12 -8.35 -0.44 5.87
C TYR A 12 -8.75 -0.12 7.30
N TYR A 13 -8.22 0.98 7.81
CA TYR A 13 -8.57 1.50 9.15
C TYR A 13 -8.92 2.97 9.05
N GLY A 14 -10.04 3.32 9.67
CA GLY A 14 -10.44 4.72 9.80
C GLY A 14 -10.36 5.18 11.23
N THR A 15 -10.28 6.51 11.41
CA THR A 15 -10.24 7.10 12.77
C THR A 15 -10.75 8.54 12.67
N ASN A 16 -11.20 9.07 13.83
CA ASN A 16 -11.53 10.48 13.95
C ASN A 16 -10.47 11.24 14.74
N SER A 17 -9.32 10.63 14.97
CA SER A 17 -8.13 11.27 15.46
C SER A 17 -7.22 11.67 14.28
N GLN A 18 -6.29 12.57 14.56
CA GLN A 18 -5.37 13.02 13.51
C GLN A 18 -4.26 12.01 13.31
N LEU A 19 -3.98 11.68 12.04
CA LEU A 19 -2.81 10.93 11.65
C LEU A 19 -1.73 11.88 11.17
N ASN A 20 -0.62 11.98 11.92
CA ASN A 20 0.46 12.89 11.56
C ASN A 20 1.70 12.18 11.00
N ASN A 21 1.83 10.85 11.19
CA ASN A 21 3.08 10.17 10.91
C ASN A 21 2.84 8.68 10.91
N ILE A 22 3.90 7.95 10.58
CA ILE A 22 3.79 6.51 10.46
C ILE A 22 3.37 5.86 11.80
N SER A 23 3.99 6.33 12.90
CA SER A 23 3.68 5.83 14.20
C SER A 23 2.18 5.92 14.49
N ASP A 24 1.55 7.06 14.18
CA ASP A 24 0.15 7.22 14.44
C ASP A 24 -0.67 6.19 13.69
N PHE A 25 -0.34 5.94 12.41
CA PHE A 25 -1.12 4.97 11.66
C PHE A 25 -0.89 3.55 12.17
N ARG A 26 0.38 3.21 12.46
CA ARG A 26 0.64 1.89 13.00
C ARG A 26 -0.09 1.68 14.33
N ALA A 27 -0.16 2.69 15.18
CA ALA A 27 -0.91 2.57 16.43
C ALA A 27 -2.38 2.33 16.16
N LEU A 28 -2.93 2.99 15.14
CA LEU A 28 -4.34 2.75 14.77
C LEU A 28 -4.54 1.29 14.37
N VAL A 29 -3.65 0.75 13.53
CA VAL A 29 -3.75 -0.64 13.11
C VAL A 29 -3.72 -1.57 14.32
N ASP A 30 -2.84 -1.29 15.29
CA ASP A 30 -2.73 -2.09 16.50
C ASP A 30 -3.93 -2.03 17.43
N SER A 31 -4.74 -0.99 17.31
CA SER A 31 -5.75 -0.69 18.29
C SER A 31 -7.07 -1.44 18.10
N LYS A 32 -7.31 -2.04 16.94
CA LYS A 32 -8.64 -2.60 16.65
C LYS A 32 -8.54 -3.54 15.46
N GLU A 33 -9.64 -4.22 15.17
CA GLU A 33 -9.77 -4.97 13.94
C GLU A 33 -9.94 -4.03 12.76
N ALA A 34 -9.53 -4.46 11.58
CA ALA A 34 -9.69 -3.64 10.39
C ALA A 34 -11.15 -3.25 10.20
N ASP A 35 -11.36 -2.04 9.75
CA ASP A 35 -12.70 -1.60 9.33
C ASP A 35 -13.15 -2.24 8.05
N ALA A 36 -12.24 -2.66 7.17
CA ALA A 36 -12.56 -3.44 6.02
C ALA A 36 -11.31 -4.21 5.58
N THR A 37 -11.49 -5.32 4.90
CA THR A 37 -10.39 -6.03 4.23
C THR A 37 -10.62 -6.02 2.74
N PHE A 38 -9.56 -6.25 1.98
CA PHE A 38 -9.65 -6.27 0.53
C PHE A 38 -8.39 -6.99 0.01
N GLU A 39 -8.43 -7.33 -1.28
CA GLU A 39 -7.30 -7.87 -2.02
C GLU A 39 -6.63 -6.73 -2.78
N ALA A 40 -5.35 -6.50 -2.50
CA ALA A 40 -4.60 -5.42 -3.15
C ALA A 40 -3.82 -6.01 -4.34
N ALA A 41 -4.50 -6.05 -5.49
CA ALA A 41 -3.96 -6.65 -6.70
C ALA A 41 -3.47 -5.65 -7.73
N ASN A 42 -3.69 -4.35 -7.51
CA ASN A 42 -3.24 -3.35 -8.49
C ASN A 42 -2.95 -2.10 -7.70
N ILE A 43 -1.71 -1.97 -7.21
CA ILE A 43 -1.41 -1.02 -6.14
C ILE A 43 -1.07 0.34 -6.76
N SER A 44 -2.14 1.01 -7.25
CA SER A 44 -2.07 2.33 -7.85
C SER A 44 -3.43 2.95 -7.54
N TYR A 45 -3.50 3.74 -6.47
CA TYR A 45 -4.76 4.16 -5.88
C TYR A 45 -4.92 5.67 -5.96
N GLY A 46 -6.14 6.13 -6.18
CA GLY A 46 -6.38 7.55 -6.26
C GLY A 46 -6.00 8.08 -7.64
N ARG A 47 -5.95 9.41 -7.80
CA ARG A 47 -6.11 10.48 -6.82
C ARG A 47 -7.58 10.85 -6.67
N GLY A 48 -7.95 11.25 -5.45
CA GLY A 48 -9.25 11.85 -5.18
C GLY A 48 -9.15 12.94 -4.14
N SER A 49 -10.33 13.52 -3.88
CA SER A 49 -10.47 14.66 -2.98
C SER A 49 -11.51 14.40 -1.90
N SER A 50 -11.51 15.30 -0.90
CA SER A 50 -12.58 15.37 0.10
C SER A 50 -12.58 14.17 1.07
N ASP A 51 -11.39 13.70 1.41
CA ASP A 51 -11.08 12.76 2.52
C ASP A 51 -11.31 11.30 2.13
N VAL A 52 -10.26 10.47 2.19
CA VAL A 52 -10.41 9.07 1.78
C VAL A 52 -11.45 8.36 2.62
N ALA A 53 -11.59 8.79 3.89
CA ALA A 53 -12.37 8.05 4.87
C ALA A 53 -13.86 8.41 4.84
N LYS A 54 -14.24 9.34 3.96
CA LYS A 54 -15.65 9.77 3.88
C LYS A 54 -16.38 9.15 2.69
N GLY A 55 -17.67 8.88 2.88
CA GLY A 55 -18.52 8.46 1.77
C GLY A 55 -17.97 7.25 1.05
N THR A 56 -17.97 7.35 -0.27
CA THR A 56 -17.47 6.25 -1.14
C THR A 56 -16.07 6.55 -1.67
N HIS A 57 -15.35 7.45 -1.00
CA HIS A 57 -14.01 7.81 -1.49
C HIS A 57 -13.04 6.65 -1.44
N LEU A 58 -13.15 5.77 -0.42
CA LEU A 58 -12.25 4.62 -0.37
C LEU A 58 -12.42 3.71 -1.58
N GLN A 59 -13.70 3.47 -1.92
CA GLN A 59 -14.02 2.66 -3.07
C GLN A 59 -13.40 3.24 -4.34
N GLU A 60 -13.55 4.56 -4.50
CA GLU A 60 -13.02 5.22 -5.66
C GLU A 60 -11.49 5.10 -5.70
N PHE A 61 -10.86 5.33 -4.54
CA PHE A 61 -9.40 5.23 -4.39
C PHE A 61 -8.88 3.86 -4.77
N LEU A 62 -9.52 2.82 -4.25
CA LEU A 62 -9.09 1.44 -4.49
C LEU A 62 -9.41 0.95 -5.89
N GLY A 63 -10.40 1.58 -6.56
CA GLY A 63 -10.73 1.29 -7.96
C GLY A 63 -10.96 -0.17 -8.25
N SER A 64 -10.05 -0.73 -9.09
CA SER A 64 -10.10 -2.15 -9.52
C SER A 64 -10.06 -3.12 -8.32
N ASP A 65 -9.56 -2.74 -7.17
CA ASP A 65 -9.49 -3.61 -5.98
C ASP A 65 -10.72 -3.47 -5.09
N ALA A 66 -11.56 -2.45 -5.30
CA ALA A 66 -12.66 -2.21 -4.39
C ALA A 66 -13.74 -3.30 -4.42
N SER A 67 -13.84 -4.07 -5.51
CA SER A 67 -14.85 -5.13 -5.57
C SER A 67 -14.59 -6.25 -4.58
N THR A 68 -13.39 -6.26 -3.95
CA THR A 68 -13.05 -7.26 -2.96
C THR A 68 -13.21 -6.74 -1.52
N LEU A 69 -13.76 -5.54 -1.33
CA LEU A 69 -13.98 -5.04 0.01
C LEU A 69 -14.95 -5.94 0.78
N SER A 70 -14.60 -6.17 2.04
CA SER A 70 -15.43 -7.01 2.90
C SER A 70 -16.69 -6.27 3.40
N THR A 71 -16.62 -4.94 3.45
CA THR A 71 -17.69 -4.10 3.90
C THR A 71 -17.44 -2.71 3.36
N ASP A 72 -18.47 -1.85 3.46
CA ASP A 72 -18.35 -0.44 3.16
C ASP A 72 -18.19 0.29 4.49
N PRO A 73 -16.99 0.76 4.87
CA PRO A 73 -16.82 1.44 6.14
C PRO A 73 -17.72 2.67 6.24
N GLY A 74 -18.11 3.00 7.48
CA GLY A 74 -18.73 4.28 7.73
C GLY A 74 -17.74 5.43 7.63
N ASP A 75 -18.25 6.65 7.84
CA ASP A 75 -17.40 7.81 7.73
C ASP A 75 -16.41 7.88 8.89
N ASN A 76 -15.20 8.36 8.55
CA ASN A 76 -14.20 8.82 9.53
C ASN A 76 -13.54 10.06 8.92
N THR A 77 -12.78 10.79 9.75
CA THR A 77 -12.05 11.94 9.21
C THR A 77 -10.74 11.54 8.52
N ASP A 78 -10.07 10.53 9.05
CA ASP A 78 -8.76 10.12 8.67
C ASP A 78 -8.76 8.60 8.41
N GLY A 79 -7.87 8.10 7.57
CA GLY A 79 -7.85 6.65 7.37
C GLY A 79 -6.65 6.25 6.56
N GLY A 80 -6.40 4.94 6.51
CA GLY A 80 -5.28 4.43 5.75
C GLY A 80 -5.36 2.95 5.55
N ILE A 81 -4.32 2.42 4.86
CA ILE A 81 -4.28 1.01 4.53
C ILE A 81 -2.99 0.39 5.03
N TYR A 82 -3.09 -0.89 5.34
CA TYR A 82 -1.98 -1.76 5.68
C TYR A 82 -2.04 -2.97 4.75
N LEU A 83 -0.99 -3.16 3.95
CA LEU A 83 -0.92 -4.25 2.98
C LEU A 83 0.21 -5.19 3.37
N GLN A 84 0.02 -6.50 3.26
CA GLN A 84 1.09 -7.42 3.56
C GLN A 84 0.99 -8.67 2.69
N GLY A 85 2.13 -9.21 2.29
CA GLY A 85 2.17 -10.46 1.55
C GLY A 85 3.52 -10.63 0.93
N TYR A 86 3.55 -11.02 -0.33
CA TYR A 86 4.82 -11.37 -1.00
C TYR A 86 4.83 -10.81 -2.41
N VAL A 87 6.04 -10.57 -2.91
CA VAL A 87 6.25 -10.04 -4.25
C VAL A 87 7.40 -10.82 -4.89
N TYR A 88 7.18 -11.32 -6.08
CA TYR A 88 8.25 -12.05 -6.79
C TYR A 88 9.26 -11.06 -7.36
N LEU A 89 10.53 -11.21 -6.90
CA LEU A 89 11.63 -10.39 -7.44
C LEU A 89 12.84 -11.29 -7.63
N GLU A 90 13.46 -11.15 -8.78
CA GLU A 90 14.76 -11.78 -9.00
C GLU A 90 15.84 -11.08 -8.16
N ALA A 91 16.91 -11.79 -7.84
CA ALA A 91 18.05 -11.19 -7.18
C ALA A 91 18.55 -10.00 -8.02
N GLY A 92 18.95 -8.92 -7.34
CA GLY A 92 19.48 -7.76 -8.00
C GLY A 92 19.15 -6.48 -7.23
N THR A 93 19.29 -5.36 -7.91
CA THR A 93 19.12 -4.02 -7.31
C THR A 93 17.80 -3.42 -7.80
N TYR A 94 17.12 -2.73 -6.90
CA TYR A 94 15.82 -2.13 -7.20
C TYR A 94 15.73 -0.78 -6.49
N ASN A 95 14.75 0.05 -6.90
CA ASN A 95 14.40 1.22 -6.09
C ASN A 95 12.94 1.57 -6.34
N PHE A 96 12.28 2.07 -5.30
CA PHE A 96 10.94 2.60 -5.43
C PHE A 96 10.94 4.08 -5.86
N LYS A 97 9.84 4.46 -6.51
CA LYS A 97 9.51 5.84 -6.81
C LYS A 97 8.02 5.96 -6.51
N VAL A 98 7.66 6.74 -5.47
CA VAL A 98 6.33 6.71 -4.92
C VAL A 98 5.69 8.09 -5.02
N THR A 99 4.46 8.13 -5.55
CA THR A 99 3.60 9.32 -5.54
C THR A 99 2.57 9.14 -4.44
N ALA A 100 2.49 10.12 -3.52
CA ALA A 100 1.57 9.94 -2.41
C ALA A 100 1.11 11.26 -1.81
N ASP A 101 -0.08 11.18 -1.24
CA ASP A 101 -0.64 12.14 -0.27
C ASP A 101 -1.50 11.26 0.63
N ASP A 102 -1.20 11.05 1.91
CA ASP A 102 -0.19 11.70 2.72
C ASP A 102 1.09 10.82 2.70
N GLY A 103 1.52 10.29 3.84
CA GLY A 103 2.76 9.56 3.94
C GLY A 103 2.58 8.06 3.84
N TYR A 104 3.71 7.34 4.00
CA TYR A 104 3.74 5.92 3.74
C TYR A 104 5.04 5.32 4.24
N GLU A 105 5.03 3.98 4.35
CA GLU A 105 6.26 3.23 4.54
C GLU A 105 6.12 1.86 3.89
N ILE A 106 7.13 1.47 3.12
CA ILE A 106 7.20 0.15 2.48
C ILE A 106 8.40 -0.56 3.06
N THR A 107 8.21 -1.83 3.45
CA THR A 107 9.29 -2.66 3.92
C THR A 107 9.37 -3.93 3.07
N ILE A 108 10.60 -4.42 2.84
CA ILE A 108 10.80 -5.69 2.15
C ILE A 108 11.77 -6.49 2.99
N ASN A 109 11.37 -7.75 3.24
CA ASN A 109 12.16 -8.65 4.08
C ASN A 109 12.56 -7.99 5.41
N GLY A 110 11.61 -7.24 6.01
CA GLY A 110 11.84 -6.61 7.36
C GLY A 110 12.62 -5.31 7.34
N ASN A 111 12.96 -4.77 6.15
CA ASN A 111 13.75 -3.54 6.09
C ASN A 111 12.99 -2.44 5.37
N PRO A 112 12.92 -1.20 5.91
CA PRO A 112 12.28 -0.13 5.17
C PRO A 112 13.04 0.17 3.90
N VAL A 113 12.30 0.35 2.81
CA VAL A 113 12.86 0.68 1.51
C VAL A 113 12.23 1.92 0.91
N ALA A 114 11.19 2.47 1.51
CA ALA A 114 10.60 3.74 1.06
C ALA A 114 9.81 4.30 2.22
N THR A 115 10.16 5.50 2.68
CA THR A 115 9.56 6.09 3.87
C THR A 115 9.27 7.56 3.61
N VAL A 116 8.03 8.00 3.97
CA VAL A 116 7.69 9.39 4.15
C VAL A 116 6.91 9.49 5.46
N ASP A 117 7.60 10.00 6.50
CA ASP A 117 7.07 9.95 7.88
C ASP A 117 6.37 11.26 8.27
N ASN A 118 5.50 11.76 7.39
CA ASN A 118 4.83 13.06 7.62
C ASN A 118 3.70 13.18 6.59
N ASN A 119 2.84 14.15 6.86
CA ASN A 119 1.79 14.51 5.95
C ASN A 119 2.35 15.35 4.81
N GLN A 120 1.67 15.31 3.66
CA GLN A 120 2.11 16.08 2.48
C GLN A 120 0.99 16.12 1.46
N SER A 121 0.92 17.26 0.75
CA SER A 121 0.15 17.28 -0.52
C SER A 121 0.89 16.37 -1.52
N VAL A 122 0.28 16.09 -2.66
N VAL A 122 0.27 16.10 -2.66
CA VAL A 122 0.83 15.10 -3.62
CA VAL A 122 0.83 15.10 -3.63
C VAL A 122 2.28 15.38 -3.98
C VAL A 122 2.28 15.38 -3.98
N TYR A 123 3.13 14.36 -3.79
CA TYR A 123 4.54 14.52 -4.07
C TYR A 123 5.07 13.17 -4.49
N THR A 124 6.06 13.19 -5.39
CA THR A 124 6.73 11.97 -5.87
C THR A 124 8.19 11.96 -5.38
N VAL A 125 8.57 10.90 -4.68
CA VAL A 125 9.93 10.72 -4.19
C VAL A 125 10.55 9.53 -4.93
N THR A 126 11.77 9.73 -5.45
CA THR A 126 12.60 8.65 -5.93
C THR A 126 13.47 8.20 -4.75
N HIS A 127 13.26 6.97 -4.29
CA HIS A 127 13.92 6.44 -3.10
C HIS A 127 15.24 5.76 -3.49
N ALA A 128 16.08 5.59 -2.47
CA ALA A 128 17.37 4.96 -2.62
C ALA A 128 17.23 3.48 -2.97
N SER A 129 18.25 2.95 -3.66
CA SER A 129 18.24 1.59 -4.10
C SER A 129 18.46 0.65 -2.93
N PHE A 130 17.99 -0.60 -3.13
CA PHE A 130 18.20 -1.71 -2.21
C PHE A 130 18.46 -2.97 -3.05
N THR A 131 19.00 -3.99 -2.35
CA THR A 131 19.31 -5.24 -3.02
C THR A 131 18.42 -6.37 -2.52
N ILE A 132 18.16 -7.29 -3.43
CA ILE A 132 17.49 -8.58 -3.16
C ILE A 132 18.56 -9.66 -3.38
N SER A 133 18.86 -10.43 -2.36
CA SER A 133 19.94 -11.40 -2.45
C SER A 133 19.54 -12.73 -3.08
N GLU A 134 18.26 -13.16 -3.01
CA GLU A 134 17.91 -14.45 -3.53
C GLU A 134 16.60 -14.34 -4.30
N SER A 135 16.55 -14.81 -5.54
CA SER A 135 15.34 -14.74 -6.39
C SER A 135 14.21 -15.50 -5.69
N GLY A 136 12.98 -14.97 -5.83
CA GLY A 136 11.80 -15.64 -5.34
C GLY A 136 10.81 -14.65 -4.77
N TYR A 137 9.87 -15.19 -4.01
CA TYR A 137 8.87 -14.35 -3.35
C TYR A 137 9.50 -13.71 -2.12
N GLN A 138 9.54 -12.39 -2.08
CA GLN A 138 10.07 -11.61 -1.01
C GLN A 138 8.89 -11.15 -0.13
N ALA A 139 9.10 -11.10 1.20
CA ALA A 139 8.08 -10.52 2.06
C ALA A 139 8.01 -9.02 1.84
N ILE A 140 6.78 -8.50 1.79
CA ILE A 140 6.59 -7.05 1.61
C ILE A 140 5.42 -6.59 2.47
N ASP A 141 5.53 -5.41 3.03
CA ASP A 141 4.37 -4.75 3.60
C ASP A 141 4.42 -3.27 3.28
N MET A 142 3.23 -2.66 3.34
CA MET A 142 3.08 -1.24 3.08
C MET A 142 2.08 -0.65 4.06
N ILE A 143 2.33 0.59 4.48
CA ILE A 143 1.31 1.42 5.07
C ILE A 143 1.24 2.72 4.29
N TRP A 144 0.04 3.29 4.24
CA TRP A 144 -0.24 4.58 3.63
C TRP A 144 -1.39 5.19 4.41
N TRP A 145 -1.46 6.52 4.53
CA TRP A 145 -2.65 7.10 5.12
C TRP A 145 -2.95 8.45 4.49
N ASP A 146 -4.18 8.88 4.80
CA ASP A 146 -4.70 10.21 4.50
C ASP A 146 -5.15 10.86 5.82
N GLN A 147 -4.56 12.03 6.08
CA GLN A 147 -4.98 12.86 7.24
C GLN A 147 -6.20 13.70 6.91
N GLY A 148 -6.61 13.74 5.65
CA GLY A 148 -7.68 14.60 5.18
C GLY A 148 -7.32 15.23 3.86
N GLY A 149 -8.34 15.65 3.13
CA GLY A 149 -8.15 16.34 1.88
C GLY A 149 -8.01 15.40 0.69
N ASP A 150 -6.94 15.61 -0.11
CA ASP A 150 -6.69 14.75 -1.23
C ASP A 150 -5.96 13.47 -0.77
N TYR A 151 -5.93 12.49 -1.66
CA TYR A 151 -5.36 11.17 -1.34
C TYR A 151 -4.91 10.52 -2.65
N VAL A 152 -3.71 9.94 -2.62
CA VAL A 152 -3.17 9.19 -3.75
C VAL A 152 -2.06 8.29 -3.21
N PHE A 153 -1.89 7.11 -3.81
CA PHE A 153 -0.80 6.23 -3.42
C PHE A 153 -0.42 5.35 -4.60
N GLN A 154 0.77 5.61 -5.15
CA GLN A 154 1.25 4.81 -6.31
C GLN A 154 2.74 4.53 -6.11
N PRO A 155 3.07 3.41 -5.46
N PRO A 155 3.08 3.37 -5.49
CA PRO A 155 4.44 3.00 -5.40
CA PRO A 155 4.47 3.01 -5.24
C PRO A 155 4.71 2.34 -6.77
C PRO A 155 5.10 2.14 -6.38
N THR A 156 5.77 2.76 -7.35
CA THR A 156 6.31 2.07 -8.51
C THR A 156 7.71 1.60 -8.19
N LEU A 157 8.16 0.56 -8.93
CA LEU A 157 9.44 -0.09 -8.65
C LEU A 157 10.25 -0.20 -9.93
N SER A 158 11.55 0.04 -9.82
CA SER A 158 12.47 -0.14 -10.98
C SER A 158 13.47 -1.24 -10.64
N ALA A 159 13.72 -2.08 -11.66
CA ALA A 159 14.72 -3.12 -11.66
C ALA A 159 15.92 -2.78 -12.52
N ASP A 160 15.93 -1.60 -13.16
CA ASP A 160 16.89 -1.29 -14.20
C ASP A 160 17.53 0.06 -13.94
N GLY A 161 17.73 0.40 -12.67
CA GLY A 161 18.45 1.61 -12.32
C GLY A 161 17.67 2.89 -12.54
N GLY A 162 16.35 2.79 -12.49
CA GLY A 162 15.52 3.95 -12.57
C GLY A 162 15.15 4.37 -13.97
N SER A 163 15.44 3.52 -14.95
CA SER A 163 15.07 3.85 -16.35
C SER A 163 13.59 3.57 -16.61
N THR A 164 13.07 2.46 -16.05
CA THR A 164 11.68 2.10 -16.18
C THR A 164 11.17 1.68 -14.82
N TYR A 165 9.89 1.92 -14.61
CA TYR A 165 9.21 1.60 -13.37
C TYR A 165 7.91 0.86 -13.67
N PHE A 166 7.51 -0.01 -12.76
CA PHE A 166 6.26 -0.74 -12.88
C PHE A 166 5.46 -0.65 -11.58
N VAL A 167 4.14 -0.75 -11.74
CA VAL A 167 3.20 -0.91 -10.64
C VAL A 167 3.27 -2.36 -10.16
N LEU A 168 3.14 -2.53 -8.85
CA LEU A 168 3.03 -3.87 -8.25
C LEU A 168 1.58 -4.34 -8.41
N ASP A 169 1.42 -5.47 -9.11
CA ASP A 169 0.11 -5.97 -9.45
C ASP A 169 0.13 -7.48 -9.52
N SER A 170 -0.98 -8.04 -10.03
CA SER A 170 -1.18 -9.47 -10.04
C SER A 170 -0.11 -10.24 -10.82
N ALA A 171 0.73 -9.59 -11.66
CA ALA A 171 1.78 -10.32 -12.33
C ALA A 171 2.76 -10.95 -11.32
N ILE A 172 3.02 -10.28 -10.20
CA ILE A 172 4.12 -10.65 -9.31
C ILE A 172 3.73 -10.75 -7.83
N LEU A 173 2.50 -10.37 -7.46
CA LEU A 173 2.12 -10.41 -6.04
C LEU A 173 1.52 -11.79 -5.69
N SER A 174 1.73 -12.18 -4.43
CA SER A 174 1.13 -13.37 -3.88
C SER A 174 0.76 -13.12 -2.43
N SER A 175 -0.46 -13.56 -2.04
CA SER A 175 -0.91 -13.29 -0.68
C SER A 175 -0.19 -14.15 0.37
N THR A 176 0.24 -15.34 -0.03
CA THR A 176 0.81 -16.32 0.93
C THR A 176 2.23 -16.72 0.59
N GLY A 177 2.74 -16.37 -0.59
CA GLY A 177 4.05 -16.85 -1.02
C GLY A 177 4.00 -18.12 -1.87
N GLU A 178 2.82 -18.73 -2.00
CA GLU A 178 2.63 -19.77 -2.99
C GLU A 178 2.34 -19.10 -4.34
N THR A 179 2.52 -19.88 -5.41
CA THR A 179 2.33 -19.36 -6.75
C THR A 179 0.85 -19.23 -7.06
N PRO A 180 0.34 -18.05 -7.38
CA PRO A 180 -1.09 -17.94 -7.71
C PRO A 180 -1.32 -18.30 -9.18
N TYR A 181 -2.42 -19.01 -9.42
CA TYR A 181 -2.95 -19.38 -10.76
C TYR A 181 -4.43 -18.92 -10.81
N THR A 182 -4.62 -17.63 -10.72
CA THR A 182 -5.96 -17.02 -10.63
C THR A 182 -6.25 -16.12 -11.85
#